data_1QN6
#
_entry.id   1QN6
#
_cell.length_a   41.800
_cell.length_b   146.700
_cell.length_c   57.400
_cell.angle_alpha   90.00
_cell.angle_beta   90.50
_cell.angle_gamma   90.00
#
_symmetry.space_group_name_H-M   'P 1 21 1'
#
loop_
_entity.id
_entity.type
_entity.pdbx_description
1 polymer 'TRANSCRIPTION INITIATION FACTOR TFIID-1'
2 polymer "DNA (5'-D(*GP*CP*TP*AP*TP*AP*AP*TP*AP*GP*GP*GP*CP*A)-3')"
3 polymer "DNA (5'-D(*TP*GP*CP*CP*CP*TP*AP*TP*TP*AP*TP*AP*GP*C)-3')"
4 water water
#
loop_
_entity_poly.entity_id
_entity_poly.type
_entity_poly.pdbx_seq_one_letter_code
_entity_poly.pdbx_strand_id
1 'polypeptide(L)'
;MTDQGLEGSNPVDLSKHPSGIVPTLQNIVSTVNLDCKLDLKAIALQARNAEYNPKRFAAVIMRIREPKTTALIFASGKMV
CTGAKSEDFSKMAARKYARIVQKLGFPAKFKDFKIQNIVGSCDVKFPIRLEGLAYSHAAFSSYEPELFPGLIYRMKVPKI
VLLIFVSGKIVITGAKMRDETYKAFENIYPVLSEFRKIQQ
;
A,B
2 'polydeoxyribonucleotide' (DG)(DC)(DT)(DA)(DT)(DA)(DA)(DT)(DA)(DG)(DG)(DG)(DC)(DA) C,E
3 'polydeoxyribonucleotide' (DT)(DG)(DC)(DC)(DC)(DT)(DA)(DT)(DT)(DA)(DT)(DA)(DG)(DC) D,F
#
loop_
_chem_comp.id
_chem_comp.type
_chem_comp.name
_chem_comp.formula
DA DNA linking 2'-DEOXYADENOSINE-5'-MONOPHOSPHATE 'C10 H14 N5 O6 P'
DC DNA linking 2'-DEOXYCYTIDINE-5'-MONOPHOSPHATE 'C9 H14 N3 O7 P'
DG DNA linking 2'-DEOXYGUANOSINE-5'-MONOPHOSPHATE 'C10 H14 N5 O7 P'
DT DNA linking THYMIDINE-5'-MONOPHOSPHATE 'C10 H15 N2 O8 P'
#
# COMPACT_ATOMS: atom_id res chain seq x y z
N SER A 15 1.64 -10.34 -5.63
CA SER A 15 1.75 -10.01 -7.10
C SER A 15 0.37 -9.67 -7.66
N LYS A 16 -0.68 -10.25 -7.07
CA LYS A 16 -2.06 -9.96 -7.47
C LYS A 16 -2.74 -9.13 -6.39
N HIS A 17 -2.21 -9.22 -5.18
CA HIS A 17 -2.74 -8.50 -4.03
C HIS A 17 -1.58 -7.81 -3.32
N PRO A 18 -1.03 -6.76 -3.94
CA PRO A 18 0.10 -6.00 -3.37
C PRO A 18 -0.13 -5.52 -1.93
N SER A 19 -1.39 -5.36 -1.54
CA SER A 19 -1.73 -4.91 -0.19
C SER A 19 -1.52 -6.02 0.85
N GLY A 20 -1.45 -7.25 0.36
CA GLY A 20 -1.28 -8.38 1.26
C GLY A 20 -2.60 -8.79 1.85
N ILE A 21 -3.66 -8.04 1.55
CA ILE A 21 -5.00 -8.33 2.07
C ILE A 21 -5.88 -8.79 0.92
N VAL A 22 -6.71 -9.81 1.18
CA VAL A 22 -7.59 -10.32 0.15
C VAL A 22 -9.05 -10.18 0.58
N PRO A 23 -9.83 -9.34 -0.12
CA PRO A 23 -11.24 -9.15 0.22
C PRO A 23 -11.94 -10.52 0.30
N THR A 24 -12.79 -10.71 1.29
CA THR A 24 -13.51 -11.96 1.44
C THR A 24 -14.84 -11.83 0.71
N LEU A 25 -15.19 -12.83 -0.09
CA LEU A 25 -16.47 -12.78 -0.81
C LEU A 25 -17.59 -13.13 0.17
N GLN A 26 -18.59 -12.25 0.28
CA GLN A 26 -19.71 -12.42 1.22
C GLN A 26 -21.08 -12.74 0.64
N ASN A 27 -21.34 -12.29 -0.58
CA ASN A 27 -22.65 -12.51 -1.21
C ASN A 27 -22.49 -12.48 -2.73
N ILE A 28 -23.08 -13.47 -3.39
CA ILE A 28 -23.07 -13.57 -4.84
C ILE A 28 -24.53 -13.60 -5.28
N VAL A 29 -24.90 -12.73 -6.22
CA VAL A 29 -26.24 -12.66 -6.78
C VAL A 29 -26.13 -13.15 -8.23
N SER A 30 -26.92 -14.14 -8.59
CA SER A 30 -26.89 -14.66 -9.95
C SER A 30 -28.29 -14.90 -10.49
N THR A 31 -28.38 -15.01 -11.81
CA THR A 31 -29.65 -15.27 -12.46
C THR A 31 -29.46 -16.43 -13.42
N VAL A 32 -30.54 -17.16 -13.66
CA VAL A 32 -30.52 -18.28 -14.57
C VAL A 32 -31.90 -18.35 -15.20
N ASN A 33 -31.95 -18.87 -16.42
CA ASN A 33 -33.19 -18.98 -17.17
C ASN A 33 -33.59 -20.44 -17.22
N LEU A 34 -34.69 -20.78 -16.58
CA LEU A 34 -35.15 -22.15 -16.54
C LEU A 34 -35.82 -22.54 -17.86
N ASP A 35 -36.11 -21.53 -18.67
CA ASP A 35 -36.73 -21.70 -19.98
C ASP A 35 -37.97 -22.58 -20.02
N CYS A 36 -38.98 -22.16 -19.28
CA CYS A 36 -40.27 -22.81 -19.22
C CYS A 36 -41.06 -22.00 -18.21
N LYS A 37 -42.31 -21.71 -18.53
CA LYS A 37 -43.15 -20.96 -17.61
C LYS A 37 -43.38 -21.87 -16.42
N LEU A 38 -43.56 -21.31 -15.24
CA LEU A 38 -43.77 -22.11 -14.05
C LEU A 38 -45.06 -21.72 -13.40
N ASP A 39 -45.70 -22.67 -12.73
CA ASP A 39 -46.95 -22.44 -12.01
C ASP A 39 -46.46 -22.23 -10.58
N LEU A 40 -46.46 -20.97 -10.13
CA LEU A 40 -45.97 -20.65 -8.79
C LEU A 40 -46.79 -21.18 -7.64
N LYS A 41 -48.11 -21.24 -7.84
CA LYS A 41 -49.01 -21.75 -6.81
C LYS A 41 -48.77 -23.24 -6.65
N ALA A 42 -48.52 -23.94 -7.76
CA ALA A 42 -48.26 -25.36 -7.76
C ALA A 42 -46.96 -25.66 -7.02
N ILE A 43 -45.94 -24.87 -7.31
CA ILE A 43 -44.63 -25.05 -6.67
C ILE A 43 -44.73 -24.77 -5.16
N ALA A 44 -45.42 -23.70 -4.80
CA ALA A 44 -45.59 -23.31 -3.41
C ALA A 44 -46.35 -24.37 -2.59
N LEU A 45 -47.26 -25.09 -3.22
CA LEU A 45 -48.01 -26.12 -2.51
C LEU A 45 -47.24 -27.43 -2.43
N GLN A 46 -46.60 -27.81 -3.53
CA GLN A 46 -45.84 -29.05 -3.62
C GLN A 46 -44.49 -28.99 -2.92
N ALA A 47 -43.84 -27.84 -2.96
CA ALA A 47 -42.53 -27.69 -2.34
C ALA A 47 -42.65 -27.68 -0.82
N ARG A 48 -41.51 -27.70 -0.13
CA ARG A 48 -41.49 -27.68 1.34
C ARG A 48 -40.83 -26.38 1.77
N ASN A 49 -39.65 -26.14 1.22
CA ASN A 49 -38.88 -24.94 1.53
C ASN A 49 -39.33 -23.76 0.68
N ALA A 50 -40.64 -23.59 0.50
CA ALA A 50 -41.15 -22.50 -0.33
C ALA A 50 -42.05 -21.51 0.41
N GLU A 51 -42.09 -20.28 -0.10
CA GLU A 51 -42.91 -19.21 0.45
C GLU A 51 -43.42 -18.42 -0.74
N TYR A 52 -44.71 -18.11 -0.75
CA TYR A 52 -45.29 -17.39 -1.86
C TYR A 52 -46.41 -16.48 -1.42
N ASN A 53 -46.22 -15.18 -1.57
CA ASN A 53 -47.21 -14.17 -1.21
C ASN A 53 -47.30 -13.25 -2.44
N PRO A 54 -48.12 -13.62 -3.45
CA PRO A 54 -48.30 -12.86 -4.69
C PRO A 54 -48.60 -11.38 -4.49
N LYS A 55 -49.37 -11.07 -3.44
CA LYS A 55 -49.76 -9.69 -3.13
C LYS A 55 -48.60 -8.88 -2.59
N ARG A 56 -47.51 -9.55 -2.22
CA ARG A 56 -46.38 -8.85 -1.66
C ARG A 56 -45.24 -8.80 -2.68
N PHE A 57 -44.93 -9.93 -3.29
CA PHE A 57 -43.87 -10.00 -4.28
C PHE A 57 -44.26 -11.14 -5.21
N ALA A 58 -43.97 -10.97 -6.49
CA ALA A 58 -44.34 -11.97 -7.49
C ALA A 58 -43.42 -13.17 -7.65
N ALA A 59 -42.84 -13.66 -6.56
CA ALA A 59 -41.92 -14.79 -6.66
C ALA A 59 -42.09 -15.81 -5.58
N VAL A 60 -41.61 -17.02 -5.85
CA VAL A 60 -41.60 -18.06 -4.84
C VAL A 60 -40.19 -17.91 -4.24
N ILE A 61 -40.12 -17.85 -2.91
CA ILE A 61 -38.87 -17.71 -2.19
C ILE A 61 -38.59 -19.09 -1.62
N MET A 62 -37.45 -19.66 -1.99
CA MET A 62 -37.07 -21.00 -1.56
C MET A 62 -35.66 -20.92 -0.99
N ARG A 63 -35.30 -21.85 -0.10
CA ARG A 63 -33.97 -21.86 0.51
C ARG A 63 -33.43 -23.28 0.70
N ILE A 64 -32.11 -23.44 0.62
CA ILE A 64 -31.46 -24.73 0.85
C ILE A 64 -30.32 -24.49 1.84
N ARG A 65 -29.85 -25.54 2.49
CA ARG A 65 -28.78 -25.43 3.48
C ARG A 65 -27.39 -25.36 2.94
N GLU A 66 -27.11 -26.10 1.86
CA GLU A 66 -25.78 -26.13 1.31
C GLU A 66 -25.85 -26.21 -0.20
N PRO A 67 -25.33 -25.18 -0.90
CA PRO A 67 -24.72 -24.00 -0.30
C PRO A 67 -25.85 -23.16 0.28
N LYS A 68 -25.61 -22.50 1.41
CA LYS A 68 -26.64 -21.71 2.05
C LYS A 68 -27.03 -20.53 1.18
N THR A 69 -28.19 -20.62 0.55
CA THR A 69 -28.65 -19.56 -0.34
C THR A 69 -30.17 -19.44 -0.32
N THR A 70 -30.66 -18.44 -1.05
CA THR A 70 -32.07 -18.14 -1.20
C THR A 70 -32.34 -17.95 -2.69
N ALA A 71 -33.40 -18.57 -3.19
CA ALA A 71 -33.77 -18.44 -4.60
C ALA A 71 -35.09 -17.67 -4.72
N LEU A 72 -35.20 -16.87 -5.77
CA LEU A 72 -36.44 -16.15 -6.07
C LEU A 72 -36.81 -16.76 -7.41
N ILE A 73 -37.90 -17.51 -7.44
CA ILE A 73 -38.36 -18.21 -8.64
C ILE A 73 -39.61 -17.51 -9.18
N PHE A 74 -39.56 -17.11 -10.44
CA PHE A 74 -40.68 -16.39 -11.07
C PHE A 74 -41.44 -17.25 -12.08
N ALA A 75 -42.69 -16.86 -12.35
CA ALA A 75 -43.56 -17.57 -13.29
C ALA A 75 -42.96 -17.64 -14.69
N SER A 76 -42.22 -16.62 -15.06
CA SER A 76 -41.56 -16.55 -16.35
C SER A 76 -40.51 -17.64 -16.53
N GLY A 77 -40.06 -18.23 -15.44
CA GLY A 77 -39.02 -19.25 -15.52
C GLY A 77 -37.68 -18.68 -15.08
N LYS A 78 -37.62 -17.36 -14.94
CA LYS A 78 -36.40 -16.69 -14.51
C LYS A 78 -36.20 -16.96 -13.01
N MET A 79 -34.95 -16.97 -12.57
CA MET A 79 -34.64 -17.23 -11.16
C MET A 79 -33.42 -16.47 -10.69
N VAL A 80 -33.52 -15.89 -9.49
CA VAL A 80 -32.45 -15.13 -8.86
C VAL A 80 -31.93 -16.01 -7.72
N CYS A 81 -30.61 -16.08 -7.58
CA CYS A 81 -30.00 -16.86 -6.52
C CYS A 81 -29.11 -15.89 -5.76
N THR A 82 -29.28 -15.82 -4.45
CA THR A 82 -28.50 -14.90 -3.63
C THR A 82 -27.92 -15.61 -2.41
N GLY A 83 -26.92 -15.00 -1.79
CA GLY A 83 -26.35 -15.54 -0.57
C GLY A 83 -25.10 -16.39 -0.59
N ALA A 84 -24.68 -16.87 -1.75
CA ALA A 84 -23.51 -17.73 -1.82
C ALA A 84 -22.21 -16.99 -1.53
N LYS A 85 -21.18 -17.73 -1.11
CA LYS A 85 -19.88 -17.14 -0.83
C LYS A 85 -18.92 -17.13 -2.00
N SER A 86 -19.30 -17.78 -3.09
CA SER A 86 -18.46 -17.81 -4.27
C SER A 86 -19.33 -17.97 -5.50
N GLU A 87 -18.70 -17.79 -6.67
CA GLU A 87 -19.39 -17.88 -7.95
C GLU A 87 -19.77 -19.31 -8.22
N ASP A 88 -18.83 -20.23 -7.94
CA ASP A 88 -19.06 -21.65 -8.11
C ASP A 88 -20.18 -22.13 -7.17
N PHE A 89 -20.16 -21.65 -5.93
CA PHE A 89 -21.19 -22.00 -4.97
C PHE A 89 -22.55 -21.50 -5.45
N SER A 90 -22.55 -20.36 -6.11
CA SER A 90 -23.78 -19.77 -6.63
C SER A 90 -24.37 -20.59 -7.77
N LYS A 91 -23.53 -21.06 -8.68
CA LYS A 91 -23.99 -21.88 -9.80
C LYS A 91 -24.47 -23.25 -9.30
N MET A 92 -23.78 -23.77 -8.29
CA MET A 92 -24.12 -25.05 -7.67
C MET A 92 -25.50 -24.98 -7.03
N ALA A 93 -25.71 -23.91 -6.25
CA ALA A 93 -26.98 -23.69 -5.56
C ALA A 93 -28.10 -23.55 -6.59
N ALA A 94 -27.85 -22.72 -7.60
CA ALA A 94 -28.82 -22.48 -8.66
C ALA A 94 -29.20 -23.79 -9.34
N ARG A 95 -28.22 -24.69 -9.47
CA ARG A 95 -28.44 -25.99 -10.07
C ARG A 95 -29.36 -26.87 -9.21
N LYS A 96 -29.17 -26.84 -7.89
CA LYS A 96 -30.03 -27.63 -7.01
C LYS A 96 -31.49 -27.15 -7.09
N TYR A 97 -31.69 -25.83 -7.12
CA TYR A 97 -33.02 -25.25 -7.24
C TYR A 97 -33.64 -25.69 -8.57
N ALA A 98 -32.84 -25.67 -9.63
CA ALA A 98 -33.32 -26.09 -10.95
C ALA A 98 -33.83 -27.53 -10.89
N ARG A 99 -33.09 -28.41 -10.22
CA ARG A 99 -33.50 -29.82 -10.11
C ARG A 99 -34.69 -29.98 -9.19
N ILE A 100 -34.76 -29.16 -8.14
CA ILE A 100 -35.89 -29.20 -7.24
C ILE A 100 -37.14 -28.92 -8.07
N VAL A 101 -37.07 -27.88 -8.91
CA VAL A 101 -38.17 -27.48 -9.79
C VAL A 101 -38.45 -28.55 -10.85
N GLN A 102 -37.40 -29.21 -11.34
CA GLN A 102 -37.55 -30.28 -12.31
C GLN A 102 -38.36 -31.42 -11.69
N LYS A 103 -37.94 -31.85 -10.49
CA LYS A 103 -38.62 -32.92 -9.78
C LYS A 103 -40.08 -32.57 -9.52
N LEU A 104 -40.37 -31.28 -9.42
CA LEU A 104 -41.73 -30.82 -9.18
C LEU A 104 -42.59 -30.99 -10.42
N GLY A 105 -41.97 -31.41 -11.52
CA GLY A 105 -42.72 -31.63 -12.74
C GLY A 105 -42.43 -30.75 -13.93
N PHE A 106 -41.79 -29.60 -13.74
CA PHE A 106 -41.53 -28.69 -14.85
C PHE A 106 -40.30 -29.00 -15.69
N PRO A 107 -40.36 -28.74 -17.00
CA PRO A 107 -39.22 -29.00 -17.91
C PRO A 107 -38.18 -27.88 -17.86
N ALA A 108 -37.61 -27.70 -16.67
CA ALA A 108 -36.61 -26.67 -16.42
C ALA A 108 -35.25 -27.04 -16.93
N LYS A 109 -34.53 -26.05 -17.44
CA LYS A 109 -33.17 -26.25 -17.95
C LYS A 109 -32.32 -25.28 -17.15
N PHE A 110 -31.11 -25.01 -17.62
CA PHE A 110 -30.20 -24.10 -16.94
C PHE A 110 -29.62 -23.19 -17.99
N LYS A 111 -30.44 -22.27 -18.47
CA LYS A 111 -30.06 -21.35 -19.54
C LYS A 111 -29.55 -19.98 -19.10
N ASP A 112 -28.46 -19.55 -19.70
CA ASP A 112 -27.86 -18.24 -19.46
C ASP A 112 -27.56 -17.87 -18.02
N PHE A 113 -26.93 -18.77 -17.28
CA PHE A 113 -26.56 -18.46 -15.91
C PHE A 113 -25.62 -17.26 -15.95
N LYS A 114 -25.72 -16.37 -14.97
CA LYS A 114 -24.86 -15.21 -14.98
C LYS A 114 -24.65 -14.63 -13.60
N ILE A 115 -23.42 -14.26 -13.28
CA ILE A 115 -23.12 -13.65 -12.00
C ILE A 115 -23.47 -12.20 -12.20
N GLN A 116 -24.40 -11.70 -11.39
CA GLN A 116 -24.87 -10.33 -11.52
C GLN A 116 -24.24 -9.35 -10.54
N ASN A 117 -23.80 -9.85 -9.40
CA ASN A 117 -23.18 -9.00 -8.39
C ASN A 117 -22.40 -9.80 -7.37
N ILE A 118 -21.25 -9.27 -7.01
CA ILE A 118 -20.36 -9.89 -6.04
C ILE A 118 -20.14 -8.85 -4.96
N VAL A 119 -20.32 -9.26 -3.70
CA VAL A 119 -20.11 -8.37 -2.55
C VAL A 119 -18.92 -8.91 -1.75
N GLY A 120 -17.96 -8.06 -1.44
CA GLY A 120 -16.80 -8.50 -0.68
C GLY A 120 -16.50 -7.52 0.43
N SER A 121 -15.73 -7.94 1.42
CA SER A 121 -15.39 -7.06 2.54
C SER A 121 -14.02 -7.42 3.08
N CYS A 122 -13.35 -6.45 3.69
CA CYS A 122 -12.06 -6.72 4.30
C CYS A 122 -11.76 -5.72 5.39
N ASP A 123 -10.66 -5.93 6.10
CA ASP A 123 -10.28 -5.09 7.20
C ASP A 123 -8.84 -4.66 6.99
N VAL A 124 -8.60 -3.37 6.79
CA VAL A 124 -7.24 -2.86 6.58
C VAL A 124 -6.52 -2.75 7.93
N LYS A 125 -7.26 -3.02 9.00
CA LYS A 125 -6.71 -3.03 10.35
C LYS A 125 -6.22 -1.69 10.92
N PHE A 126 -6.70 -0.58 10.37
CA PHE A 126 -6.34 0.72 10.90
C PHE A 126 -7.52 1.66 10.68
N PRO A 127 -7.76 2.59 11.61
CA PRO A 127 -8.86 3.53 11.48
C PRO A 127 -8.57 4.58 10.39
N ILE A 128 -9.64 5.13 9.86
CA ILE A 128 -9.58 6.07 8.74
C ILE A 128 -10.26 7.40 9.03
N ARG A 129 -9.69 8.47 8.47
CA ARG A 129 -10.25 9.80 8.58
C ARG A 129 -11.14 10.01 7.36
N LEU A 130 -12.41 9.64 7.51
CA LEU A 130 -13.39 9.71 6.44
C LEU A 130 -13.64 11.07 5.88
N GLU A 131 -13.72 12.07 6.74
CA GLU A 131 -13.95 13.46 6.32
C GLU A 131 -12.83 13.94 5.41
N GLY A 132 -11.58 13.71 5.81
CA GLY A 132 -10.45 14.12 4.98
C GLY A 132 -10.40 13.36 3.67
N LEU A 133 -10.78 12.11 3.70
CA LEU A 133 -10.78 11.30 2.51
C LEU A 133 -11.83 11.84 1.54
N ALA A 134 -13.04 12.03 2.02
CA ALA A 134 -14.09 12.54 1.15
C ALA A 134 -13.72 13.87 0.54
N TYR A 135 -13.16 14.74 1.36
CA TYR A 135 -12.76 16.08 0.93
C TYR A 135 -11.72 16.05 -0.19
N SER A 136 -10.78 15.14 -0.10
CA SER A 136 -9.74 15.04 -1.14
C SER A 136 -10.20 14.33 -2.40
N HIS A 137 -11.34 13.63 -2.33
CA HIS A 137 -11.88 12.87 -3.46
C HIS A 137 -13.37 13.12 -3.58
N ALA A 138 -13.77 14.38 -3.58
CA ALA A 138 -15.17 14.77 -3.66
C ALA A 138 -15.93 14.32 -4.92
N ALA A 139 -15.24 14.21 -6.05
CA ALA A 139 -15.89 13.77 -7.27
C ALA A 139 -16.27 12.28 -7.21
N PHE A 140 -15.75 11.58 -6.21
CA PHE A 140 -15.98 10.15 -6.03
C PHE A 140 -16.70 9.80 -4.74
N SER A 141 -16.57 10.67 -3.75
CA SER A 141 -17.12 10.41 -2.42
C SER A 141 -18.45 11.02 -2.04
N SER A 142 -19.11 10.37 -1.09
CA SER A 142 -20.36 10.82 -0.53
C SER A 142 -20.27 10.39 0.92
N TYR A 143 -20.09 11.36 1.83
CA TYR A 143 -19.98 11.06 3.24
C TYR A 143 -20.89 11.96 4.06
N GLU A 144 -21.93 11.40 4.66
CA GLU A 144 -22.88 12.13 5.50
C GLU A 144 -23.12 11.26 6.71
N PRO A 145 -22.26 11.39 7.73
CA PRO A 145 -22.30 10.63 8.99
C PRO A 145 -23.68 10.52 9.61
N GLU A 146 -24.44 11.61 9.56
CA GLU A 146 -25.78 11.67 10.14
C GLU A 146 -26.79 10.78 9.49
N LEU A 147 -26.53 10.38 8.25
CA LEU A 147 -27.42 9.51 7.49
C LEU A 147 -26.91 8.05 7.54
N PHE A 148 -25.67 7.84 7.11
CA PHE A 148 -25.08 6.51 7.15
C PHE A 148 -23.64 6.77 7.57
N PRO A 149 -23.14 6.03 8.58
CA PRO A 149 -21.77 6.22 9.07
C PRO A 149 -20.62 5.88 8.11
N GLY A 150 -20.92 5.35 6.94
CA GLY A 150 -19.85 5.00 6.03
C GLY A 150 -19.72 5.98 4.90
N LEU A 151 -18.52 6.10 4.34
CA LEU A 151 -18.29 6.98 3.23
C LEU A 151 -18.55 6.14 1.99
N ILE A 152 -19.35 6.68 1.07
CA ILE A 152 -19.69 5.99 -0.17
C ILE A 152 -18.71 6.44 -1.23
N TYR A 153 -17.85 5.52 -1.68
CA TYR A 153 -16.86 5.83 -2.69
C TYR A 153 -17.23 5.13 -3.98
N ARG A 154 -17.58 5.91 -4.99
CA ARG A 154 -17.95 5.37 -6.29
C ARG A 154 -16.78 5.44 -7.27
N MET A 155 -16.02 4.36 -7.33
CA MET A 155 -14.87 4.25 -8.23
C MET A 155 -15.37 4.09 -9.67
N LYS A 156 -14.69 4.73 -10.62
CA LYS A 156 -15.12 4.63 -12.02
C LYS A 156 -14.42 3.48 -12.73
N VAL A 157 -13.16 3.26 -12.39
CA VAL A 157 -12.39 2.18 -13.02
C VAL A 157 -11.68 1.37 -11.95
N PRO A 158 -12.20 0.16 -11.64
CA PRO A 158 -13.39 -0.42 -12.25
C PRO A 158 -14.62 0.27 -11.69
N LYS A 159 -15.78 0.10 -12.32
CA LYS A 159 -17.00 0.75 -11.83
C LYS A 159 -17.46 -0.05 -10.63
N ILE A 160 -17.03 0.39 -9.44
CA ILE A 160 -17.31 -0.28 -8.17
C ILE A 160 -17.59 0.71 -7.05
N VAL A 161 -18.46 0.33 -6.13
CA VAL A 161 -18.80 1.16 -4.98
C VAL A 161 -18.16 0.53 -3.73
N LEU A 162 -17.55 1.38 -2.92
CA LEU A 162 -16.91 0.93 -1.71
C LEU A 162 -17.50 1.68 -0.55
N LEU A 163 -17.73 0.99 0.56
CA LEU A 163 -18.26 1.63 1.77
C LEU A 163 -17.07 1.56 2.72
N ILE A 164 -16.57 2.74 3.08
CA ILE A 164 -15.39 2.88 3.92
C ILE A 164 -15.82 3.38 5.30
N PHE A 165 -15.49 2.63 6.34
CA PHE A 165 -15.86 3.01 7.70
C PHE A 165 -14.63 3.44 8.49
N VAL A 166 -14.88 4.18 9.57
CA VAL A 166 -13.81 4.68 10.43
C VAL A 166 -12.95 3.58 11.00
N SER A 167 -13.57 2.43 11.22
CA SER A 167 -12.94 1.25 11.78
C SER A 167 -11.86 0.61 10.92
N GLY A 168 -11.82 0.91 9.62
CA GLY A 168 -10.86 0.28 8.75
C GLY A 168 -11.49 -0.87 7.97
N LYS A 169 -12.76 -1.14 8.25
CA LYS A 169 -13.49 -2.19 7.55
C LYS A 169 -14.08 -1.62 6.26
N ILE A 170 -14.03 -2.40 5.19
CA ILE A 170 -14.48 -1.97 3.87
C ILE A 170 -15.47 -2.94 3.22
N VAL A 171 -16.49 -2.40 2.54
CA VAL A 171 -17.45 -3.22 1.82
C VAL A 171 -17.22 -2.79 0.36
N ILE A 172 -17.11 -3.76 -0.54
CA ILE A 172 -16.87 -3.50 -1.95
C ILE A 172 -17.99 -4.20 -2.72
N THR A 173 -18.82 -3.46 -3.43
CA THR A 173 -19.92 -4.08 -4.13
C THR A 173 -20.13 -3.58 -5.56
N GLY A 174 -20.84 -4.37 -6.36
CA GLY A 174 -21.13 -4.00 -7.74
C GLY A 174 -20.37 -4.76 -8.81
N ALA A 175 -19.45 -5.62 -8.41
CA ALA A 175 -18.63 -6.38 -9.36
C ALA A 175 -19.30 -7.57 -9.98
N LYS A 176 -18.97 -7.86 -11.23
CA LYS A 176 -19.51 -9.05 -11.88
C LYS A 176 -18.43 -10.09 -12.11
N MET A 177 -17.20 -9.76 -11.74
CA MET A 177 -16.03 -10.63 -11.82
C MET A 177 -15.27 -10.30 -10.55
N ARG A 178 -14.74 -11.32 -9.87
CA ARG A 178 -14.02 -11.11 -8.62
C ARG A 178 -12.79 -10.21 -8.70
N ASP A 179 -12.14 -10.17 -9.86
CA ASP A 179 -10.96 -9.33 -10.04
C ASP A 179 -11.25 -7.85 -9.97
N GLU A 180 -12.49 -7.44 -10.23
CA GLU A 180 -12.86 -6.03 -10.14
C GLU A 180 -12.89 -5.68 -8.66
N THR A 181 -13.38 -6.63 -7.86
CA THR A 181 -13.48 -6.48 -6.41
C THR A 181 -12.07 -6.28 -5.88
N TYR A 182 -11.16 -7.14 -6.31
CA TYR A 182 -9.76 -7.09 -5.89
C TYR A 182 -9.02 -5.83 -6.33
N LYS A 183 -9.28 -5.41 -7.57
CA LYS A 183 -8.66 -4.24 -8.17
C LYS A 183 -9.13 -2.95 -7.52
N ALA A 184 -10.42 -2.86 -7.21
CA ALA A 184 -10.97 -1.67 -6.55
C ALA A 184 -10.34 -1.51 -5.18
N PHE A 185 -10.19 -2.63 -4.45
CA PHE A 185 -9.58 -2.60 -3.14
C PHE A 185 -8.12 -2.20 -3.23
N GLU A 186 -7.45 -2.69 -4.26
CA GLU A 186 -6.03 -2.36 -4.45
C GLU A 186 -5.86 -0.91 -4.85
N ASN A 187 -6.80 -0.38 -5.62
CA ASN A 187 -6.76 1.02 -6.04
C ASN A 187 -7.01 1.92 -4.82
N ILE A 188 -7.94 1.49 -3.96
CA ILE A 188 -8.29 2.27 -2.77
C ILE A 188 -7.31 2.14 -1.58
N TYR A 189 -6.58 1.05 -1.51
CA TYR A 189 -5.66 0.84 -0.39
C TYR A 189 -4.70 1.99 -0.13
N PRO A 190 -3.96 2.46 -1.15
CA PRO A 190 -3.03 3.58 -0.93
C PRO A 190 -3.72 4.85 -0.39
N VAL A 191 -4.98 5.04 -0.77
CA VAL A 191 -5.76 6.19 -0.31
C VAL A 191 -6.10 6.05 1.17
N LEU A 192 -6.54 4.86 1.58
CA LEU A 192 -6.89 4.63 2.97
C LEU A 192 -5.69 4.89 3.89
N SER A 193 -4.51 4.52 3.40
CA SER A 193 -3.27 4.68 4.16
C SER A 193 -2.94 6.15 4.31
N GLU A 194 -3.16 6.90 3.23
CA GLU A 194 -2.92 8.32 3.24
C GLU A 194 -3.78 8.98 4.29
N PHE A 195 -4.99 8.47 4.47
CA PHE A 195 -5.91 9.04 5.44
C PHE A 195 -6.11 8.21 6.67
N ARG A 196 -5.06 7.52 7.09
CA ARG A 196 -5.07 6.70 8.29
C ARG A 196 -5.24 7.67 9.45
N LYS A 197 -6.09 7.32 10.41
CA LYS A 197 -6.33 8.19 11.55
C LYS A 197 -5.28 7.96 12.62
N ILE A 198 -4.58 9.01 13.01
CA ILE A 198 -3.54 8.92 14.05
C ILE A 198 -3.98 9.57 15.38
N VAL B 12 4.78 -1.91 -6.47
CA VAL B 12 5.10 -1.51 -5.07
C VAL B 12 4.47 -2.49 -4.05
N ASP B 13 5.29 -2.90 -3.10
CA ASP B 13 4.88 -3.82 -2.06
C ASP B 13 4.13 -3.03 -1.00
N LEU B 14 2.82 -2.93 -1.16
CA LEU B 14 1.99 -2.17 -0.23
C LEU B 14 2.02 -2.68 1.21
N SER B 15 2.63 -3.84 1.45
CA SER B 15 2.74 -4.38 2.81
C SER B 15 3.88 -3.65 3.52
N LYS B 16 4.88 -3.26 2.74
CA LYS B 16 6.05 -2.56 3.23
C LYS B 16 5.89 -1.04 3.04
N HIS B 17 5.10 -0.66 2.06
CA HIS B 17 4.91 0.74 1.73
C HIS B 17 3.42 1.00 1.45
N PRO B 18 2.57 0.98 2.49
CA PRO B 18 1.12 1.20 2.42
C PRO B 18 0.68 2.42 1.62
N SER B 19 1.47 3.49 1.67
CA SER B 19 1.19 4.72 0.95
C SER B 19 1.35 4.52 -0.55
N GLY B 20 2.10 3.49 -0.92
CA GLY B 20 2.36 3.23 -2.33
C GLY B 20 3.54 4.05 -2.83
N ILE B 21 4.13 4.85 -1.94
CA ILE B 21 5.28 5.69 -2.30
C ILE B 21 6.54 5.14 -1.66
N VAL B 22 7.58 4.95 -2.47
CA VAL B 22 8.85 4.42 -1.97
C VAL B 22 9.95 5.46 -2.09
N PRO B 23 10.46 5.95 -0.95
CA PRO B 23 11.53 6.95 -0.95
C PRO B 23 12.74 6.42 -1.72
N THR B 24 13.39 7.30 -2.47
CA THR B 24 14.58 6.97 -3.24
C THR B 24 15.81 7.22 -2.38
N LEU B 25 16.71 6.26 -2.31
CA LEU B 25 17.93 6.45 -1.52
C LEU B 25 18.89 7.30 -2.36
N GLN B 26 19.37 8.39 -1.76
CA GLN B 26 20.24 9.35 -2.45
C GLN B 26 21.70 9.37 -2.04
N ASN B 27 22.00 8.93 -0.83
CA ASN B 27 23.36 8.97 -0.33
C ASN B 27 23.49 7.97 0.79
N ILE B 28 24.62 7.27 0.83
CA ILE B 28 24.92 6.28 1.87
C ILE B 28 26.32 6.62 2.43
N VAL B 29 26.44 6.66 3.75
CA VAL B 29 27.72 6.95 4.42
C VAL B 29 28.07 5.67 5.17
N SER B 30 29.26 5.13 4.91
CA SER B 30 29.71 3.91 5.55
C SER B 30 31.13 4.06 6.00
N THR B 31 31.56 3.19 6.90
CA THR B 31 32.93 3.22 7.38
C THR B 31 33.43 1.78 7.35
N VAL B 32 34.74 1.63 7.31
CA VAL B 32 35.38 0.33 7.31
C VAL B 32 36.75 0.55 7.93
N ASN B 33 37.25 -0.50 8.58
CA ASN B 33 38.55 -0.45 9.23
C ASN B 33 39.53 -1.27 8.39
N LEU B 34 40.39 -0.59 7.65
CA LEU B 34 41.36 -1.27 6.82
C LEU B 34 42.27 -2.10 7.71
N ASP B 35 42.26 -1.80 9.00
CA ASP B 35 43.02 -2.54 9.99
C ASP B 35 44.52 -2.52 9.74
N CYS B 36 45.05 -1.35 9.43
CA CYS B 36 46.48 -1.20 9.19
C CYS B 36 46.78 0.29 9.08
N LYS B 37 47.92 0.71 9.65
CA LYS B 37 48.34 2.10 9.61
C LYS B 37 48.67 2.49 8.18
N LEU B 38 48.39 3.72 7.81
CA LEU B 38 48.67 4.17 6.46
C LEU B 38 49.55 5.41 6.46
N ASP B 39 50.32 5.56 5.38
CA ASP B 39 51.21 6.70 5.18
C ASP B 39 50.47 7.53 4.14
N LEU B 40 49.68 8.50 4.62
CA LEU B 40 48.86 9.32 3.75
C LEU B 40 49.63 10.12 2.69
N LYS B 41 50.87 10.47 3.00
CA LYS B 41 51.70 11.25 2.09
C LYS B 41 52.17 10.34 0.94
N ALA B 42 52.49 9.10 1.26
CA ALA B 42 52.92 8.16 0.23
C ALA B 42 51.70 7.86 -0.62
N ILE B 43 50.55 7.62 0.02
CA ILE B 43 49.32 7.33 -0.71
C ILE B 43 48.99 8.47 -1.66
N ALA B 44 49.09 9.71 -1.16
CA ALA B 44 48.79 10.88 -1.98
C ALA B 44 49.80 11.06 -3.12
N LEU B 45 51.00 10.51 -2.97
CA LEU B 45 51.98 10.64 -4.03
C LEU B 45 51.89 9.54 -5.09
N GLN B 46 51.58 8.32 -4.68
CA GLN B 46 51.49 7.21 -5.62
C GLN B 46 50.14 7.10 -6.29
N ALA B 47 49.07 7.42 -5.57
CA ALA B 47 47.72 7.35 -6.13
C ALA B 47 47.50 8.39 -7.21
N ARG B 48 46.56 8.11 -8.11
CA ARG B 48 46.26 9.03 -9.20
C ARG B 48 45.09 9.91 -8.81
N ASN B 49 45.42 11.12 -8.36
CA ASN B 49 44.44 12.13 -7.95
C ASN B 49 43.79 11.84 -6.62
N ALA B 50 44.63 11.69 -5.60
CA ALA B 50 44.15 11.46 -4.26
C ALA B 50 44.50 12.77 -3.56
N GLU B 51 43.50 13.63 -3.32
CA GLU B 51 43.74 14.90 -2.67
C GLU B 51 44.17 14.73 -1.22
N TYR B 52 45.09 15.58 -0.80
CA TYR B 52 45.56 15.53 0.57
C TYR B 52 46.15 16.87 1.00
N ASN B 53 45.54 17.50 1.98
CA ASN B 53 46.03 18.76 2.50
C ASN B 53 45.82 18.66 4.00
N PRO B 54 46.81 18.11 4.71
CA PRO B 54 46.77 17.95 6.17
C PRO B 54 46.51 19.23 6.96
N LYS B 55 46.85 20.39 6.38
CA LYS B 55 46.60 21.65 7.05
C LYS B 55 45.10 21.87 7.09
N ARG B 56 44.40 21.29 6.14
CA ARG B 56 42.95 21.46 6.06
C ARG B 56 42.15 20.32 6.67
N PHE B 57 42.54 19.08 6.38
CA PHE B 57 41.84 17.92 6.92
C PHE B 57 42.82 16.76 6.96
N ALA B 58 42.75 15.97 8.02
CA ALA B 58 43.63 14.81 8.21
C ALA B 58 43.31 13.58 7.36
N ALA B 59 42.75 13.74 6.17
CA ALA B 59 42.43 12.59 5.34
C ALA B 59 42.84 12.81 3.90
N VAL B 60 43.04 11.69 3.20
CA VAL B 60 43.34 11.69 1.78
C VAL B 60 41.96 11.51 1.16
N ILE B 61 41.59 12.40 0.26
CA ILE B 61 40.32 12.31 -0.41
C ILE B 61 40.54 11.69 -1.76
N MET B 62 39.85 10.59 -2.01
CA MET B 62 39.98 9.83 -3.24
C MET B 62 38.57 9.59 -3.78
N ARG B 63 38.43 9.47 -5.10
CA ARG B 63 37.11 9.23 -5.71
C ARG B 63 37.20 8.23 -6.85
N ILE B 64 36.12 7.47 -7.06
CA ILE B 64 36.09 6.51 -8.16
C ILE B 64 34.81 6.74 -8.93
N ARG B 65 34.77 6.30 -10.20
CA ARG B 65 33.62 6.49 -11.05
C ARG B 65 32.47 5.54 -10.82
N GLU B 66 32.74 4.28 -10.52
CA GLU B 66 31.65 3.34 -10.33
C GLU B 66 31.89 2.35 -9.22
N PRO B 67 31.08 2.38 -8.15
CA PRO B 67 29.94 3.27 -7.89
C PRO B 67 30.51 4.64 -7.63
N LYS B 68 29.86 5.68 -8.14
CA LYS B 68 30.35 7.04 -7.96
C LYS B 68 30.36 7.38 -6.48
N THR B 69 31.55 7.48 -5.91
CA THR B 69 31.68 7.75 -4.49
C THR B 69 32.98 8.51 -4.16
N THR B 70 33.07 8.93 -2.90
CA THR B 70 34.23 9.62 -2.37
C THR B 70 34.61 8.90 -1.07
N ALA B 71 35.90 8.73 -0.83
CA ALA B 71 36.40 8.07 0.37
C ALA B 71 37.29 9.06 1.11
N LEU B 72 37.25 9.00 2.42
CA LEU B 72 38.11 9.84 3.25
C LEU B 72 38.94 8.76 3.94
N ILE B 73 40.22 8.74 3.60
CA ILE B 73 41.16 7.76 4.11
C ILE B 73 42.07 8.38 5.18
N PHE B 74 42.06 7.75 6.37
CA PHE B 74 42.83 8.26 7.50
C PHE B 74 44.05 7.42 7.87
N ALA B 75 45.08 8.07 8.42
CA ALA B 75 46.32 7.41 8.81
C ALA B 75 46.08 6.17 9.66
N SER B 76 45.02 6.23 10.46
CA SER B 76 44.64 5.16 11.37
C SER B 76 44.15 3.87 10.71
N GLY B 77 43.88 3.93 9.41
CA GLY B 77 43.38 2.76 8.71
C GLY B 77 41.87 2.79 8.54
N LYS B 78 41.22 3.73 9.20
CA LYS B 78 39.78 3.87 9.08
C LYS B 78 39.48 4.59 7.76
N MET B 79 38.36 4.24 7.15
CA MET B 79 37.95 4.87 5.92
C MET B 79 36.44 5.17 5.90
N VAL B 80 36.08 6.35 5.41
CA VAL B 80 34.70 6.75 5.28
C VAL B 80 34.40 6.73 3.78
N CYS B 81 33.23 6.21 3.41
CA CYS B 81 32.81 6.15 2.01
C CYS B 81 31.46 6.84 1.92
N THR B 82 31.31 7.82 1.03
CA THR B 82 30.04 8.56 0.88
C THR B 82 29.61 8.65 -0.57
N GLY B 83 28.35 9.00 -0.80
CA GLY B 83 27.87 9.17 -2.16
C GLY B 83 27.15 8.05 -2.86
N ALA B 84 27.31 6.82 -2.39
CA ALA B 84 26.64 5.68 -3.03
C ALA B 84 25.12 5.78 -2.93
N LYS B 85 24.43 5.11 -3.85
CA LYS B 85 22.97 5.12 -3.87
C LYS B 85 22.35 3.93 -3.15
N SER B 86 23.17 2.99 -2.68
CA SER B 86 22.64 1.85 -1.95
C SER B 86 23.70 1.30 -1.04
N GLU B 87 23.26 0.45 -0.13
CA GLU B 87 24.15 -0.17 0.84
C GLU B 87 25.13 -1.07 0.10
N ASP B 88 24.63 -1.88 -0.84
CA ASP B 88 25.47 -2.78 -1.61
C ASP B 88 26.53 -2.01 -2.37
N PHE B 89 26.11 -0.93 -3.01
CA PHE B 89 27.01 -0.06 -3.77
C PHE B 89 28.07 0.57 -2.88
N SER B 90 27.67 1.03 -1.71
CA SER B 90 28.61 1.64 -0.78
C SER B 90 29.66 0.62 -0.35
N LYS B 91 29.23 -0.62 -0.14
CA LYS B 91 30.16 -1.67 0.26
C LYS B 91 31.11 -2.04 -0.86
N MET B 92 30.60 -2.18 -2.08
CA MET B 92 31.46 -2.53 -3.20
C MET B 92 32.47 -1.41 -3.46
N ALA B 93 32.04 -0.16 -3.31
CA ALA B 93 32.91 0.99 -3.50
C ALA B 93 34.00 0.92 -2.43
N ALA B 94 33.61 0.68 -1.19
CA ALA B 94 34.55 0.57 -0.08
C ALA B 94 35.62 -0.49 -0.37
N ARG B 95 35.19 -1.65 -0.89
CA ARG B 95 36.11 -2.74 -1.22
C ARG B 95 37.11 -2.31 -2.31
N LYS B 96 36.64 -1.48 -3.25
CA LYS B 96 37.50 -0.98 -4.32
C LYS B 96 38.61 -0.10 -3.73
N TYR B 97 38.23 0.80 -2.83
CA TYR B 97 39.18 1.69 -2.18
C TYR B 97 40.18 0.88 -1.37
N ALA B 98 39.71 -0.17 -0.69
CA ALA B 98 40.61 -1.02 0.10
C ALA B 98 41.62 -1.72 -0.80
N ARG B 99 41.17 -2.07 -2.01
CA ARG B 99 42.01 -2.74 -3.00
C ARG B 99 43.05 -1.76 -3.59
N ILE B 100 42.66 -0.50 -3.76
CA ILE B 100 43.56 0.52 -4.26
C ILE B 100 44.68 0.69 -3.25
N VAL B 101 44.32 0.81 -1.96
CA VAL B 101 45.30 0.98 -0.90
C VAL B 101 46.24 -0.23 -0.86
N GLN B 102 45.68 -1.42 -0.95
CA GLN B 102 46.45 -2.67 -0.98
C GLN B 102 47.44 -2.67 -2.14
N LYS B 103 46.97 -2.36 -3.33
CA LYS B 103 47.88 -2.33 -4.47
C LYS B 103 48.88 -1.19 -4.39
N LEU B 104 48.75 -0.36 -3.37
CA LEU B 104 49.65 0.77 -3.15
C LEU B 104 50.76 0.35 -2.20
N GLY B 105 50.68 -0.88 -1.71
CA GLY B 105 51.70 -1.37 -0.81
C GLY B 105 51.37 -1.39 0.68
N PHE B 106 50.09 -1.46 1.04
CA PHE B 106 49.71 -1.51 2.45
C PHE B 106 48.86 -2.75 2.60
N PRO B 107 49.14 -3.61 3.59
CA PRO B 107 48.38 -4.85 3.82
C PRO B 107 46.96 -4.60 4.36
N ALA B 108 46.18 -3.84 3.59
CA ALA B 108 44.85 -3.46 3.99
C ALA B 108 43.90 -4.63 4.08
N LYS B 109 43.05 -4.57 5.10
CA LYS B 109 42.01 -5.56 5.35
C LYS B 109 40.68 -4.85 5.14
N PHE B 110 39.60 -5.42 5.68
CA PHE B 110 38.29 -4.83 5.52
C PHE B 110 37.48 -5.27 6.72
N LYS B 111 37.81 -4.73 7.88
CA LYS B 111 37.11 -5.11 9.11
C LYS B 111 36.04 -4.12 9.56
N ASP B 112 34.97 -4.66 10.11
CA ASP B 112 33.86 -3.89 10.64
C ASP B 112 33.22 -2.88 9.69
N PHE B 113 32.95 -3.29 8.46
CA PHE B 113 32.28 -2.41 7.51
C PHE B 113 30.94 -2.08 8.18
N LYS B 114 30.48 -0.84 8.08
CA LYS B 114 29.21 -0.48 8.72
C LYS B 114 28.50 0.65 8.01
N ILE B 115 27.19 0.52 7.79
CA ILE B 115 26.40 1.58 7.18
C ILE B 115 26.09 2.54 8.32
N GLN B 116 26.58 3.77 8.20
CA GLN B 116 26.42 4.76 9.25
C GLN B 116 25.25 5.71 9.07
N ASN B 117 24.93 6.02 7.82
CA ASN B 117 23.84 6.94 7.53
C ASN B 117 23.28 6.73 6.13
N ILE B 118 21.95 6.79 6.02
CA ILE B 118 21.24 6.60 4.76
C ILE B 118 20.39 7.83 4.58
N VAL B 119 20.47 8.44 3.40
CA VAL B 119 19.67 9.63 3.13
C VAL B 119 18.72 9.29 1.97
N GLY B 120 17.43 9.58 2.15
CA GLY B 120 16.49 9.29 1.09
C GLY B 120 15.60 10.48 0.86
N SER B 121 14.81 10.46 -0.19
CA SER B 121 13.89 11.55 -0.46
C SER B 121 12.67 11.07 -1.26
N CYS B 122 11.55 11.74 -1.10
CA CYS B 122 10.39 11.37 -1.89
C CYS B 122 9.46 12.53 -2.14
N ASP B 123 8.29 12.24 -2.65
CA ASP B 123 7.35 13.28 -2.99
C ASP B 123 5.97 12.78 -2.64
N VAL B 124 5.26 13.53 -1.81
CA VAL B 124 3.90 13.14 -1.41
C VAL B 124 2.90 13.56 -2.49
N LYS B 125 3.38 14.38 -3.41
CA LYS B 125 2.59 14.87 -4.54
C LYS B 125 1.44 15.86 -4.22
N PHE B 126 1.70 16.74 -3.27
CA PHE B 126 0.75 17.75 -2.90
C PHE B 126 1.49 18.72 -1.99
N PRO B 127 1.16 20.02 -2.07
CA PRO B 127 1.78 21.07 -1.25
C PRO B 127 1.37 20.93 0.21
N ILE B 128 2.25 21.35 1.10
CA ILE B 128 2.01 21.22 2.54
C ILE B 128 2.05 22.57 3.25
N ARG B 129 1.13 22.77 4.19
CA ARG B 129 1.03 23.98 5.00
C ARG B 129 1.94 23.70 6.19
N LEU B 130 3.23 24.03 6.04
CA LEU B 130 4.21 23.77 7.08
C LEU B 130 3.90 24.43 8.42
N GLU B 131 3.31 25.62 8.37
CA GLU B 131 2.96 26.37 9.58
C GLU B 131 2.08 25.56 10.53
N GLY B 132 1.01 24.99 9.98
CA GLY B 132 0.08 24.19 10.77
C GLY B 132 0.65 22.87 11.29
N LEU B 133 1.59 22.30 10.55
CA LEU B 133 2.22 21.06 10.99
C LEU B 133 3.08 21.37 12.22
N ALA B 134 3.91 22.40 12.09
CA ALA B 134 4.79 22.83 13.19
C ALA B 134 3.97 23.13 14.42
N TYR B 135 2.86 23.82 14.20
CA TYR B 135 1.95 24.20 15.27
C TYR B 135 1.41 23.00 16.04
N SER B 136 0.92 21.99 15.33
CA SER B 136 0.36 20.83 15.99
C SER B 136 1.37 19.76 16.42
N HIS B 137 2.62 19.92 16.02
CA HIS B 137 3.67 18.96 16.40
C HIS B 137 4.92 19.72 16.85
N ALA B 138 4.70 20.69 17.73
CA ALA B 138 5.77 21.55 18.23
C ALA B 138 6.92 20.81 18.87
N ALA B 139 6.66 19.64 19.44
CA ALA B 139 7.72 18.87 20.08
C ALA B 139 8.65 18.21 19.07
N PHE B 140 8.22 18.12 17.82
CA PHE B 140 9.03 17.49 16.77
C PHE B 140 9.45 18.47 15.69
N SER B 141 8.72 19.56 15.58
CA SER B 141 8.96 20.54 14.53
C SER B 141 9.81 21.72 14.91
N SER B 142 10.55 22.20 13.91
CA SER B 142 11.40 23.37 14.03
C SER B 142 11.28 23.99 12.66
N TYR B 143 10.51 25.06 12.57
CA TYR B 143 10.26 25.73 11.31
C TYR B 143 10.51 27.23 11.41
N GLU B 144 11.61 27.67 10.82
CA GLU B 144 11.96 29.08 10.79
C GLU B 144 12.29 29.35 9.34
N PRO B 145 11.24 29.59 8.52
CA PRO B 145 11.40 29.85 7.09
C PRO B 145 12.39 30.92 6.71
N GLU B 146 12.67 31.85 7.62
CA GLU B 146 13.62 32.90 7.32
C GLU B 146 15.04 32.37 7.32
N LEU B 147 15.27 31.29 8.05
CA LEU B 147 16.59 30.68 8.13
C LEU B 147 16.71 29.57 7.08
N PHE B 148 15.71 28.69 7.04
CA PHE B 148 15.68 27.57 6.12
C PHE B 148 14.21 27.35 5.70
N PRO B 149 13.95 27.21 4.39
CA PRO B 149 12.58 27.01 3.91
C PRO B 149 11.86 25.71 4.29
N GLY B 150 12.60 24.73 4.80
CA GLY B 150 11.99 23.48 5.16
C GLY B 150 11.71 23.33 6.64
N LEU B 151 10.75 22.49 6.96
CA LEU B 151 10.42 22.26 8.35
C LEU B 151 11.25 21.06 8.80
N ILE B 152 11.92 21.18 9.94
CA ILE B 152 12.73 20.09 10.47
C ILE B 152 11.87 19.27 11.41
N TYR B 153 11.58 18.04 11.03
CA TYR B 153 10.75 17.17 11.84
C TYR B 153 11.64 16.08 12.43
N ARG B 154 11.76 16.09 13.75
CA ARG B 154 12.58 15.11 14.42
C ARG B 154 11.72 13.99 15.01
N MET B 155 11.55 12.93 14.23
CA MET B 155 10.76 11.78 14.66
C MET B 155 11.55 10.98 15.73
N LYS B 156 10.83 10.46 16.73
CA LYS B 156 11.48 9.72 17.80
C LYS B 156 11.51 8.22 17.54
N VAL B 157 10.44 7.70 16.91
CA VAL B 157 10.36 6.29 16.57
C VAL B 157 9.88 6.16 15.12
N PRO B 158 10.80 5.83 14.20
CA PRO B 158 12.22 5.60 14.51
C PRO B 158 12.90 6.95 14.66
N LYS B 159 14.10 6.97 15.23
CA LYS B 159 14.81 8.23 15.42
C LYS B 159 15.34 8.63 14.07
N ILE B 160 14.55 9.46 13.38
CA ILE B 160 14.87 9.92 12.03
C ILE B 160 14.54 11.39 11.93
N VAL B 161 15.26 12.12 11.09
CA VAL B 161 14.97 13.54 10.89
C VAL B 161 14.42 13.69 9.47
N LEU B 162 13.29 14.38 9.35
CA LEU B 162 12.68 14.61 8.05
C LEU B 162 12.68 16.08 7.74
N LEU B 163 13.03 16.45 6.52
CA LEU B 163 13.02 17.85 6.12
C LEU B 163 11.82 17.90 5.20
N ILE B 164 10.78 18.62 5.61
CA ILE B 164 9.53 18.72 4.86
C ILE B 164 9.36 20.09 4.22
N PHE B 165 9.04 20.12 2.93
CA PHE B 165 8.91 21.38 2.19
C PHE B 165 7.49 21.60 1.69
N VAL B 166 7.16 22.86 1.41
CA VAL B 166 5.83 23.25 0.93
C VAL B 166 5.48 22.52 -0.36
N SER B 167 6.50 22.26 -1.17
CA SER B 167 6.34 21.56 -2.43
C SER B 167 5.78 20.15 -2.27
N GLY B 168 6.08 19.53 -1.14
CA GLY B 168 5.64 18.17 -0.94
C GLY B 168 6.84 17.25 -1.03
N LYS B 169 8.01 17.80 -1.30
CA LYS B 169 9.25 17.02 -1.37
C LYS B 169 9.73 16.79 0.07
N ILE B 170 10.28 15.61 0.35
CA ILE B 170 10.74 15.28 1.70
C ILE B 170 12.15 14.72 1.62
N VAL B 171 12.97 15.05 2.60
CA VAL B 171 14.33 14.49 2.70
C VAL B 171 14.23 13.70 4.02
N ILE B 172 14.79 12.51 4.05
CA ILE B 172 14.72 11.69 5.24
C ILE B 172 16.14 11.24 5.52
N THR B 173 16.64 11.54 6.71
CA THR B 173 18.01 11.20 7.03
C THR B 173 18.20 10.69 8.47
N GLY B 174 19.30 9.99 8.72
CA GLY B 174 19.58 9.49 10.07
C GLY B 174 19.49 7.99 10.26
N ALA B 175 19.02 7.28 9.25
CA ALA B 175 18.86 5.83 9.34
C ALA B 175 20.11 5.00 9.13
N LYS B 176 20.18 3.87 9.82
CA LYS B 176 21.29 2.95 9.67
C LYS B 176 20.79 1.71 8.92
N MET B 177 19.47 1.63 8.73
CA MET B 177 18.80 0.55 7.99
C MET B 177 17.78 1.24 7.13
N ARG B 178 17.62 0.81 5.88
CA ARG B 178 16.65 1.42 4.98
C ARG B 178 15.22 1.29 5.46
N ASP B 179 14.93 0.29 6.27
CA ASP B 179 13.59 0.12 6.79
C ASP B 179 13.13 1.26 7.66
N GLU B 180 14.10 1.98 8.25
CA GLU B 180 13.80 3.12 9.11
C GLU B 180 13.41 4.33 8.27
N THR B 181 14.02 4.43 7.10
CA THR B 181 13.74 5.49 6.12
C THR B 181 12.27 5.30 5.69
N TYR B 182 11.93 4.05 5.41
CA TYR B 182 10.58 3.67 4.98
C TYR B 182 9.56 3.87 6.08
N LYS B 183 9.90 3.43 7.28
CA LYS B 183 9.00 3.56 8.42
C LYS B 183 8.75 5.04 8.71
N ALA B 184 9.83 5.82 8.76
CA ALA B 184 9.73 7.25 9.02
C ALA B 184 8.76 7.88 8.03
N PHE B 185 8.95 7.60 6.75
CA PHE B 185 8.06 8.16 5.75
C PHE B 185 6.60 7.69 5.90
N GLU B 186 6.41 6.40 6.12
CA GLU B 186 5.06 5.85 6.27
C GLU B 186 4.40 6.39 7.55
N ASN B 187 5.23 6.80 8.51
CA ASN B 187 4.76 7.38 9.76
C ASN B 187 4.34 8.83 9.51
N ILE B 188 5.10 9.54 8.68
CA ILE B 188 4.78 10.94 8.43
C ILE B 188 3.68 11.21 7.38
N TYR B 189 3.52 10.29 6.43
CA TYR B 189 2.55 10.45 5.36
C TYR B 189 1.12 10.82 5.80
N PRO B 190 0.49 10.00 6.67
CA PRO B 190 -0.86 10.32 7.10
C PRO B 190 -0.97 11.61 7.97
N VAL B 191 0.17 12.17 8.40
CA VAL B 191 0.14 13.41 9.17
C VAL B 191 0.13 14.50 8.11
N LEU B 192 1.01 14.36 7.13
CA LEU B 192 1.13 15.33 6.06
C LEU B 192 -0.17 15.56 5.33
N SER B 193 -0.96 14.50 5.15
CA SER B 193 -2.24 14.65 4.43
C SER B 193 -3.20 15.57 5.18
N GLU B 194 -3.01 15.70 6.48
CA GLU B 194 -3.84 16.57 7.32
C GLU B 194 -3.54 18.06 7.11
N PHE B 195 -2.36 18.35 6.56
CA PHE B 195 -1.93 19.73 6.34
C PHE B 195 -1.68 20.07 4.90
N ARG B 196 -2.41 19.41 4.01
CA ARG B 196 -2.29 19.64 2.59
C ARG B 196 -2.70 21.10 2.42
N LYS B 197 -1.96 21.81 1.59
CA LYS B 197 -2.19 23.22 1.31
C LYS B 197 -3.16 23.30 0.16
N ILE B 198 -4.39 23.73 0.45
CA ILE B 198 -5.40 23.83 -0.60
C ILE B 198 -5.51 25.25 -1.15
#